data_2ZO7
#
_entry.id   2ZO7
#
_cell.length_a   96.689
_cell.length_b   45.016
_cell.length_c   51.158
_cell.angle_alpha   90.00
_cell.angle_beta   94.98
_cell.angle_gamma   90.00
#
_symmetry.space_group_name_H-M   'C 1 2 1'
#
loop_
_entity.id
_entity.type
_entity.pdbx_description
1 polymer 'CYAN/GREEN-EMITTING GFP-LIKE PROTEIN, KUSABIRA-CYAN MUTANT (KCY-R1)'
2 water water
#
_entity_poly.entity_id   1
_entity_poly.type   'polypeptide(L)'
_entity_poly.pdbx_seq_one_letter_code
;DPTMVSVIKPEMKMRYYMDGSVNGHEFTVEGEGTGRPYEGKQKITLDVTKGGPLPFAFDLLSTVF(GYS)NRALTKYPDD
IPDYFKQCFPGGYSWERKFEFEDGGLAIAKAEISLKGNCFEHKSTIEGTFPDSSPIMQNKTLGWEPSTEKMTVRDGSMKG
DDASYLKLVGGGNHKCYFTTTYTAKKKIPNLPGSHFIGHRISSVVEGTKIKVMEDAIAHLYPFNGS
;
_entity_poly.pdbx_strand_id   A
#
# COMPACT_ATOMS: atom_id res chain seq x y z
N PRO A 2 -13.37 18.36 3.12
CA PRO A 2 -13.49 16.98 2.62
C PRO A 2 -14.12 16.12 3.71
N THR A 3 -14.14 14.82 3.51
CA THR A 3 -14.67 13.90 4.50
C THR A 3 -13.81 14.02 5.76
N MET A 4 -14.46 14.17 6.92
CA MET A 4 -13.73 14.30 8.18
C MET A 4 -14.34 13.33 9.18
N VAL A 5 -13.48 12.66 9.96
CA VAL A 5 -13.91 11.65 10.91
C VAL A 5 -13.19 11.93 12.24
N SER A 6 -13.94 11.97 13.33
CA SER A 6 -13.35 12.34 14.63
C SER A 6 -12.20 11.47 15.09
N VAL A 7 -12.20 10.18 14.76
CA VAL A 7 -11.09 9.34 15.21
C VAL A 7 -9.87 9.40 14.27
N ILE A 8 -10.02 10.07 13.13
CA ILE A 8 -8.90 10.22 12.22
C ILE A 8 -8.35 11.61 12.53
N LYS A 9 -7.23 11.64 13.24
CA LYS A 9 -6.62 12.90 13.65
C LYS A 9 -5.60 13.42 12.63
N PRO A 10 -5.25 14.71 12.71
CA PRO A 10 -4.27 15.27 11.76
C PRO A 10 -2.89 14.61 11.82
N GLU A 11 -2.54 14.09 12.99
CA GLU A 11 -1.30 13.37 13.17
C GLU A 11 -1.64 12.05 13.85
N MET A 12 -1.21 10.95 13.26
CA MET A 12 -1.47 9.62 13.84
C MET A 12 -0.22 8.73 13.81
N LYS A 13 -0.24 7.69 14.64
CA LYS A 13 0.89 6.78 14.69
C LYS A 13 0.48 5.48 14.03
N MET A 14 1.46 4.66 13.69
CA MET A 14 1.22 3.37 13.06
C MET A 14 2.16 2.30 13.59
N ARG A 15 1.67 1.07 13.64
CA ARG A 15 2.46 -0.08 14.06
C ARG A 15 2.26 -1.14 12.98
N TYR A 16 3.32 -1.85 12.62
CA TYR A 16 3.26 -2.87 11.58
C TYR A 16 3.82 -4.23 11.92
N TYR A 17 3.15 -5.26 11.45
CA TYR A 17 3.63 -6.63 11.60
C TYR A 17 3.27 -7.38 10.33
N MET A 18 4.29 -7.98 9.71
CA MET A 18 4.12 -8.73 8.48
C MET A 18 4.83 -10.09 8.52
N ASP A 19 4.13 -11.12 8.06
CA ASP A 19 4.71 -12.45 7.94
C ASP A 19 4.58 -12.74 6.44
N GLY A 20 5.61 -13.32 5.84
CA GLY A 20 5.52 -13.60 4.42
C GLY A 20 6.40 -14.72 3.95
N SER A 21 6.18 -15.14 2.71
CA SER A 21 6.96 -16.22 2.12
C SER A 21 7.08 -15.96 0.62
N VAL A 22 8.31 -15.88 0.15
CA VAL A 22 8.56 -15.66 -1.27
C VAL A 22 9.46 -16.77 -1.80
N ASN A 23 8.95 -17.54 -2.75
CA ASN A 23 9.73 -18.66 -3.31
C ASN A 23 10.22 -19.54 -2.16
N GLY A 24 9.34 -19.78 -1.19
CA GLY A 24 9.68 -20.63 -0.06
C GLY A 24 10.47 -19.97 1.07
N HIS A 25 10.97 -18.76 0.86
CA HIS A 25 11.74 -18.07 1.89
C HIS A 25 10.82 -17.32 2.82
N GLU A 26 10.69 -17.80 4.06
CA GLU A 26 9.84 -17.15 5.05
C GLU A 26 10.55 -16.01 5.75
N PHE A 27 9.80 -14.97 6.07
CA PHE A 27 10.39 -13.81 6.73
C PHE A 27 9.34 -13.06 7.55
N THR A 28 9.82 -12.17 8.41
CA THR A 28 8.96 -11.36 9.25
C THR A 28 9.51 -9.93 9.29
N VAL A 29 8.61 -8.96 9.17
CA VAL A 29 9.00 -7.56 9.21
C VAL A 29 8.09 -6.84 10.22
N GLU A 30 8.69 -5.95 11.01
CA GLU A 30 7.95 -5.21 12.02
C GLU A 30 8.42 -3.77 12.05
N GLY A 31 7.54 -2.87 12.44
CA GLY A 31 7.96 -1.49 12.50
C GLY A 31 6.88 -0.56 12.97
N GLU A 32 7.13 0.73 12.78
CA GLU A 32 6.19 1.75 13.19
C GLU A 32 6.33 2.95 12.26
N GLY A 33 5.39 3.88 12.37
CA GLY A 33 5.45 5.06 11.54
C GLY A 33 4.58 6.18 12.06
N THR A 34 4.58 7.30 11.35
CA THR A 34 3.76 8.45 11.71
C THR A 34 3.14 8.95 10.42
N GLY A 35 1.86 9.32 10.49
CA GLY A 35 1.21 9.79 9.29
C GLY A 35 0.33 11.02 9.49
N ARG A 36 0.04 11.69 8.38
CA ARG A 36 -0.81 12.87 8.37
C ARG A 36 -1.92 12.48 7.39
N PRO A 37 -2.98 11.82 7.90
CA PRO A 37 -4.11 11.36 7.11
C PRO A 37 -4.74 12.32 6.12
N TYR A 38 -4.99 13.55 6.56
CA TYR A 38 -5.62 14.52 5.68
C TYR A 38 -4.65 15.15 4.69
N GLU A 39 -3.34 15.01 4.92
CA GLU A 39 -2.33 15.52 3.99
C GLU A 39 -1.89 14.40 3.02
N GLY A 40 -2.30 13.16 3.30
CA GLY A 40 -1.92 12.03 2.46
C GLY A 40 -0.43 11.74 2.51
N LYS A 41 0.16 11.89 3.70
CA LYS A 41 1.59 11.66 3.88
C LYS A 41 1.90 10.68 5.01
N GLN A 42 2.98 9.93 4.85
CA GLN A 42 3.38 9.00 5.91
C GLN A 42 4.85 8.62 5.82
N LYS A 43 5.43 8.35 6.99
CA LYS A 43 6.81 7.92 7.12
C LYS A 43 6.82 6.64 7.96
N ILE A 44 7.54 5.63 7.50
CA ILE A 44 7.59 4.34 8.19
C ILE A 44 9.02 3.85 8.33
N THR A 45 9.32 3.21 9.46
CA THR A 45 10.65 2.63 9.71
C THR A 45 10.39 1.17 10.05
N LEU A 46 11.09 0.28 9.36
CA LEU A 46 10.89 -1.15 9.56
C LEU A 46 12.17 -1.93 9.80
N ASP A 47 12.00 -3.10 10.40
CA ASP A 47 13.12 -3.99 10.70
C ASP A 47 12.74 -5.39 10.28
N VAL A 48 13.64 -6.06 9.56
CA VAL A 48 13.37 -7.44 9.16
C VAL A 48 13.80 -8.26 10.37
N THR A 49 12.83 -8.86 11.06
CA THR A 49 13.11 -9.63 12.26
C THR A 49 13.32 -11.13 12.09
N LYS A 50 13.03 -11.64 10.90
CA LYS A 50 13.22 -13.05 10.59
C LYS A 50 13.40 -13.14 9.08
N GLY A 51 14.34 -13.97 8.64
CA GLY A 51 14.58 -14.13 7.21
C GLY A 51 15.36 -13.00 6.58
N GLY A 52 16.02 -12.19 7.40
CA GLY A 52 16.79 -11.07 6.87
C GLY A 52 18.29 -11.35 6.78
N PRO A 53 19.01 -10.62 5.92
CA PRO A 53 18.50 -9.57 5.04
C PRO A 53 17.63 -10.23 3.99
N LEU A 54 16.56 -9.55 3.56
CA LEU A 54 15.69 -10.14 2.56
C LEU A 54 16.46 -10.42 1.27
N PRO A 55 16.27 -11.61 0.69
CA PRO A 55 16.98 -11.95 -0.54
C PRO A 55 16.32 -11.36 -1.79
N PHE A 56 15.14 -10.78 -1.63
CA PHE A 56 14.40 -10.18 -2.75
C PHE A 56 14.22 -8.67 -2.55
N ALA A 57 13.78 -8.00 -3.62
CA ALA A 57 13.57 -6.55 -3.62
C ALA A 57 12.50 -6.10 -2.63
N PHE A 58 12.84 -5.08 -1.82
CA PHE A 58 11.88 -4.58 -0.86
C PHE A 58 10.71 -3.95 -1.58
N ASP A 59 10.90 -3.57 -2.85
CA ASP A 59 9.81 -2.98 -3.61
C ASP A 59 8.59 -3.90 -3.61
N LEU A 60 8.80 -5.20 -3.47
CA LEU A 60 7.68 -6.13 -3.41
C LEU A 60 6.80 -5.91 -2.19
N LEU A 61 7.40 -5.41 -1.11
CA LEU A 61 6.69 -5.20 0.15
C LEU A 61 6.28 -3.76 0.46
N SER A 62 6.93 -2.79 -0.16
CA SER A 62 6.66 -1.41 0.19
C SER A 62 5.20 -0.97 0.16
N THR A 63 4.48 -1.34 -0.90
CA THR A 63 3.08 -0.95 -0.97
C THR A 63 2.18 -1.75 -0.06
N VAL A 64 2.69 -2.81 0.55
CA VAL A 64 1.85 -3.56 1.48
C VAL A 64 1.83 -2.78 2.81
N PHE A 65 2.97 -2.25 3.22
CA PHE A 65 3.03 -1.47 4.47
C PHE A 65 2.39 -0.17 4.13
N ASN A 67 -2.09 1.75 3.46
CA ASN A 67 -3.27 2.11 4.25
C ASN A 67 -3.86 3.33 3.58
N ARG A 68 -4.89 3.09 2.77
CA ARG A 68 -5.50 4.19 2.04
C ARG A 68 -6.19 5.26 2.87
N ALA A 69 -6.29 5.07 4.19
CA ALA A 69 -6.87 6.11 5.03
C ALA A 69 -5.87 7.28 5.04
N LEU A 70 -4.63 7.02 4.65
CA LEU A 70 -3.61 8.07 4.59
C LEU A 70 -3.52 8.59 3.16
N THR A 71 -4.60 9.22 2.71
CA THR A 71 -4.71 9.78 1.37
C THR A 71 -5.37 11.16 1.49
N LYS A 72 -4.85 12.15 0.79
CA LYS A 72 -5.48 13.47 0.83
C LYS A 72 -6.67 13.42 -0.14
N TYR A 73 -7.88 13.63 0.38
CA TYR A 73 -9.06 13.66 -0.49
C TYR A 73 -9.56 15.09 -0.64
N PRO A 74 -10.01 15.46 -1.85
CA PRO A 74 -10.52 16.80 -2.13
C PRO A 74 -11.95 16.86 -1.62
N ASP A 75 -12.51 18.06 -1.56
CA ASP A 75 -13.86 18.22 -1.03
C ASP A 75 -14.94 17.55 -1.86
N ASP A 76 -14.70 17.38 -3.15
CA ASP A 76 -15.72 16.82 -4.03
C ASP A 76 -15.73 15.30 -4.22
N ILE A 77 -14.87 14.57 -3.50
CA ILE A 77 -14.85 13.12 -3.63
C ILE A 77 -14.92 12.51 -2.24
N PRO A 78 -16.00 11.76 -1.93
CA PRO A 78 -16.14 11.12 -0.62
C PRO A 78 -14.95 10.22 -0.35
N ASP A 79 -14.46 10.27 0.90
CA ASP A 79 -13.30 9.50 1.36
C ASP A 79 -13.79 8.21 2.01
N TYR A 80 -13.80 7.14 1.24
CA TYR A 80 -14.25 5.84 1.74
C TYR A 80 -13.43 5.33 2.91
N PHE A 81 -12.13 5.55 2.79
CA PHE A 81 -11.19 5.03 3.75
C PHE A 81 -11.25 5.62 5.14
N LYS A 82 -11.39 6.93 5.24
CA LYS A 82 -11.48 7.48 6.58
C LYS A 82 -12.82 7.05 7.22
N GLN A 83 -13.85 6.87 6.40
CA GLN A 83 -15.16 6.43 6.92
C GLN A 83 -15.12 5.00 7.46
N CYS A 84 -14.03 4.29 7.20
CA CYS A 84 -13.87 2.90 7.67
C CYS A 84 -13.63 2.88 9.17
N PHE A 85 -13.42 4.05 9.75
CA PHE A 85 -13.18 4.16 11.18
C PHE A 85 -14.23 5.01 11.87
N PRO A 86 -14.66 4.61 13.06
CA PRO A 86 -14.17 3.42 13.72
C PRO A 86 -14.80 2.20 13.05
N GLY A 87 -14.19 1.06 13.26
CA GLY A 87 -14.67 -0.17 12.68
C GLY A 87 -13.51 -0.95 12.12
N GLY A 88 -12.74 -0.28 11.26
CA GLY A 88 -11.59 -0.87 10.62
C GLY A 88 -11.88 -1.40 9.23
N TYR A 89 -10.85 -1.84 8.53
CA TYR A 89 -11.08 -2.42 7.21
C TYR A 89 -9.96 -3.37 6.83
N SER A 90 -10.15 -4.07 5.72
CA SER A 90 -9.14 -4.99 5.23
C SER A 90 -9.00 -4.85 3.74
N TRP A 91 -7.93 -5.38 3.19
CA TRP A 91 -7.74 -5.33 1.76
C TRP A 91 -6.92 -6.51 1.30
N GLU A 92 -7.05 -6.85 0.02
CA GLU A 92 -6.25 -7.92 -0.57
C GLU A 92 -5.78 -7.39 -1.92
N ARG A 93 -4.48 -7.51 -2.16
CA ARG A 93 -3.89 -7.04 -3.42
C ARG A 93 -3.19 -8.14 -4.19
N LYS A 94 -3.52 -8.26 -5.47
CA LYS A 94 -2.87 -9.23 -6.35
C LYS A 94 -1.82 -8.45 -7.14
N PHE A 95 -0.62 -9.02 -7.24
CA PHE A 95 0.50 -8.42 -7.96
C PHE A 95 0.81 -9.34 -9.14
N GLU A 96 0.67 -8.85 -10.38
CA GLU A 96 0.93 -9.64 -11.57
C GLU A 96 2.11 -9.04 -12.34
N PHE A 97 3.28 -9.62 -12.15
CA PHE A 97 4.50 -9.13 -12.79
C PHE A 97 4.60 -9.58 -14.25
N GLU A 98 5.24 -8.76 -15.09
CA GLU A 98 5.33 -9.05 -16.52
C GLU A 98 6.03 -10.37 -16.88
N ASP A 99 6.87 -10.88 -15.99
CA ASP A 99 7.57 -12.14 -16.29
C ASP A 99 6.85 -13.34 -15.71
N GLY A 100 5.60 -13.15 -15.28
CA GLY A 100 4.86 -14.25 -14.71
C GLY A 100 4.92 -14.31 -13.20
N GLY A 101 5.78 -13.49 -12.60
CA GLY A 101 5.85 -13.45 -11.15
C GLY A 101 4.46 -13.12 -10.61
N LEU A 102 4.12 -13.68 -9.45
CA LEU A 102 2.82 -13.43 -8.89
C LEU A 102 2.85 -13.38 -7.38
N ALA A 103 2.13 -12.42 -6.80
CA ALA A 103 2.08 -12.33 -5.34
C ALA A 103 0.70 -11.89 -4.89
N ILE A 104 0.33 -12.29 -3.68
CA ILE A 104 -0.94 -11.89 -3.10
C ILE A 104 -0.64 -11.44 -1.67
N ALA A 105 -1.06 -10.22 -1.34
CA ALA A 105 -0.85 -9.69 0.01
C ALA A 105 -2.23 -9.37 0.58
N LYS A 106 -2.35 -9.52 1.90
CA LYS A 106 -3.60 -9.25 2.60
C LYS A 106 -3.23 -8.42 3.81
N ALA A 107 -4.12 -7.49 4.20
CA ALA A 107 -3.86 -6.64 5.36
C ALA A 107 -5.15 -6.36 6.10
N GLU A 108 -5.02 -6.22 7.43
CA GLU A 108 -6.13 -5.88 8.30
C GLU A 108 -5.66 -4.62 9.01
N ILE A 109 -6.48 -3.58 8.99
CA ILE A 109 -6.13 -2.32 9.62
C ILE A 109 -7.16 -1.91 10.64
N SER A 110 -6.73 -1.82 11.89
CA SER A 110 -7.60 -1.43 12.98
C SER A 110 -7.04 -0.18 13.65
N LEU A 111 -7.83 0.41 14.55
CA LEU A 111 -7.41 1.62 15.20
C LEU A 111 -7.58 1.50 16.68
N LYS A 112 -6.46 1.60 17.39
CA LYS A 112 -6.38 1.51 18.84
C LYS A 112 -5.86 2.87 19.29
N GLY A 113 -6.73 3.65 19.92
CA GLY A 113 -6.33 4.96 20.37
C GLY A 113 -6.10 5.86 19.16
N ASN A 114 -4.87 6.31 18.99
CA ASN A 114 -4.53 7.17 17.88
C ASN A 114 -3.45 6.49 17.04
N CYS A 115 -3.47 5.17 17.05
CA CYS A 115 -2.49 4.39 16.30
C CYS A 115 -3.16 3.35 15.41
N PHE A 116 -2.78 3.34 14.14
CA PHE A 116 -3.30 2.33 13.21
C PHE A 116 -2.49 1.04 13.44
N GLU A 117 -3.20 -0.06 13.63
CA GLU A 117 -2.58 -1.37 13.83
C GLU A 117 -2.72 -2.05 12.48
N HIS A 118 -1.58 -2.32 11.84
CA HIS A 118 -1.52 -2.92 10.50
C HIS A 118 -0.90 -4.32 10.55
N LYS A 119 -1.70 -5.33 10.23
CA LYS A 119 -1.23 -6.72 10.22
C LYS A 119 -1.37 -7.24 8.80
N SER A 120 -0.28 -7.77 8.25
CA SER A 120 -0.33 -8.26 6.87
C SER A 120 0.42 -9.56 6.62
N THR A 121 0.15 -10.15 5.47
CA THR A 121 0.83 -11.36 5.03
C THR A 121 0.99 -11.25 3.53
N ILE A 122 1.99 -11.94 2.99
CA ILE A 122 2.20 -11.93 1.56
C ILE A 122 2.80 -13.27 1.13
N GLU A 123 2.33 -13.76 -0.01
CA GLU A 123 2.83 -15.01 -0.57
C GLU A 123 3.21 -14.68 -2.00
N GLY A 124 4.41 -15.06 -2.42
CA GLY A 124 4.83 -14.77 -3.78
C GLY A 124 5.63 -15.89 -4.41
N THR A 125 5.50 -15.99 -5.73
CA THR A 125 6.22 -17.00 -6.50
C THR A 125 6.77 -16.30 -7.73
N PHE A 126 8.07 -16.43 -7.94
CA PHE A 126 8.76 -15.76 -9.03
C PHE A 126 9.79 -16.61 -9.74
N PRO A 127 10.07 -16.30 -11.01
CA PRO A 127 11.10 -17.08 -11.71
C PRO A 127 12.40 -16.53 -11.10
N ASP A 128 13.45 -17.35 -11.04
CA ASP A 128 14.70 -16.89 -10.46
C ASP A 128 15.31 -15.68 -11.17
N SER A 129 14.95 -15.50 -12.43
CA SER A 129 15.46 -14.40 -13.25
C SER A 129 14.78 -13.07 -12.97
N SER A 130 13.67 -13.09 -12.23
CA SER A 130 12.95 -11.84 -11.95
C SER A 130 13.81 -10.80 -11.21
N PRO A 131 13.70 -9.51 -11.61
CA PRO A 131 14.49 -8.48 -10.91
C PRO A 131 14.06 -8.36 -9.46
N ILE A 132 12.89 -8.91 -9.12
CA ILE A 132 12.43 -8.89 -7.74
C ILE A 132 13.26 -9.93 -6.97
N MET A 133 13.37 -11.14 -7.51
CA MET A 133 14.14 -12.17 -6.84
C MET A 133 15.63 -11.84 -6.79
N GLN A 134 16.14 -11.12 -7.79
CA GLN A 134 17.56 -10.77 -7.78
C GLN A 134 17.82 -9.49 -6.99
N ASN A 135 16.75 -8.96 -6.39
CA ASN A 135 16.86 -7.76 -5.56
C ASN A 135 17.57 -6.65 -6.30
N LYS A 136 17.06 -6.32 -7.48
CA LYS A 136 17.69 -5.28 -8.28
C LYS A 136 16.73 -4.28 -8.91
N THR A 137 15.55 -4.13 -8.32
CA THR A 137 14.64 -3.10 -8.82
C THR A 137 15.01 -1.84 -8.05
N LEU A 138 14.74 -0.67 -8.63
CA LEU A 138 15.12 0.61 -8.05
C LEU A 138 13.96 1.52 -7.71
N GLY A 139 12.88 0.94 -7.19
CA GLY A 139 11.72 1.71 -6.79
C GLY A 139 10.59 1.73 -7.79
N TRP A 140 9.42 2.11 -7.29
CA TRP A 140 8.23 2.20 -8.11
C TRP A 140 8.16 3.60 -8.69
N GLU A 141 7.76 3.69 -9.96
CA GLU A 141 7.56 5.00 -10.57
C GLU A 141 6.27 5.57 -9.98
N PRO A 142 6.10 6.90 -10.01
CA PRO A 142 4.85 7.47 -9.48
C PRO A 142 3.73 6.86 -10.34
N SER A 143 2.59 6.57 -9.70
CA SER A 143 1.51 5.90 -10.41
C SER A 143 0.16 6.52 -10.19
N THR A 144 -0.81 6.05 -10.97
CA THR A 144 -2.19 6.47 -10.81
C THR A 144 -3.02 5.19 -10.62
N GLU A 145 -3.72 5.11 -9.50
CA GLU A 145 -4.58 3.96 -9.22
C GLU A 145 -6.02 4.36 -9.58
N LYS A 146 -6.72 3.52 -10.35
CA LYS A 146 -8.11 3.77 -10.74
C LYS A 146 -8.98 3.18 -9.64
N MET A 147 -9.87 4.01 -9.11
CA MET A 147 -10.76 3.59 -8.03
C MET A 147 -12.21 3.49 -8.47
N THR A 148 -12.83 2.36 -8.17
CA THR A 148 -14.25 2.18 -8.50
C THR A 148 -14.88 1.51 -7.27
N VAL A 149 -16.19 1.42 -7.29
CA VAL A 149 -16.94 0.81 -6.20
C VAL A 149 -17.74 -0.39 -6.70
N ARG A 150 -17.72 -1.47 -5.92
CA ARG A 150 -18.53 -2.61 -6.25
C ARG A 150 -18.91 -3.34 -4.98
N ASP A 151 -20.21 -3.56 -4.81
CA ASP A 151 -20.73 -4.23 -3.62
C ASP A 151 -20.26 -3.62 -2.30
N GLY A 152 -20.22 -2.29 -2.22
CA GLY A 152 -19.83 -1.62 -1.00
C GLY A 152 -18.34 -1.59 -0.71
N SER A 153 -17.54 -2.16 -1.60
CA SER A 153 -16.09 -2.19 -1.47
C SER A 153 -15.43 -1.30 -2.52
N MET A 154 -14.22 -0.84 -2.24
CA MET A 154 -13.46 -0.05 -3.20
C MET A 154 -12.60 -1.05 -3.97
N LYS A 155 -12.44 -0.79 -5.26
CA LYS A 155 -11.62 -1.62 -6.14
C LYS A 155 -10.57 -0.70 -6.69
N GLY A 156 -9.33 -1.15 -6.68
CA GLY A 156 -8.27 -0.32 -7.21
C GLY A 156 -7.45 -1.07 -8.23
N ASP A 157 -7.15 -0.40 -9.35
CA ASP A 157 -6.35 -1.00 -10.42
C ASP A 157 -5.19 -0.06 -10.68
N ASP A 158 -3.96 -0.58 -10.65
CA ASP A 158 -2.80 0.28 -10.88
C ASP A 158 -1.79 -0.43 -11.78
N ALA A 159 -1.47 0.20 -12.91
CA ALA A 159 -0.48 -0.37 -13.80
C ALA A 159 0.83 0.21 -13.28
N SER A 160 1.46 -0.54 -12.38
CA SER A 160 2.69 -0.11 -11.73
C SER A 160 3.95 -0.52 -12.48
N TYR A 161 5.02 0.24 -12.28
CA TYR A 161 6.28 -0.06 -12.94
C TYR A 161 7.46 0.14 -12.03
N LEU A 162 8.37 -0.83 -12.09
CA LEU A 162 9.60 -0.81 -11.31
C LEU A 162 10.72 -0.30 -12.18
N LYS A 163 11.59 0.54 -11.61
CA LYS A 163 12.75 1.06 -12.33
C LYS A 163 13.87 0.03 -12.26
N LEU A 164 14.59 -0.12 -13.37
CA LEU A 164 15.67 -1.10 -13.50
C LEU A 164 17.02 -0.46 -13.80
N VAL A 165 18.07 -1.21 -13.53
CA VAL A 165 19.42 -0.75 -13.84
C VAL A 165 19.50 -0.58 -15.35
N GLY A 166 20.03 0.56 -15.81
CA GLY A 166 20.12 0.78 -17.24
C GLY A 166 18.97 1.63 -17.76
N GLY A 167 18.02 1.94 -16.89
CA GLY A 167 16.91 2.80 -17.28
C GLY A 167 15.61 2.19 -17.75
N GLY A 168 15.58 0.87 -17.88
CA GLY A 168 14.35 0.22 -18.32
C GLY A 168 13.32 0.10 -17.22
N ASN A 169 12.22 -0.59 -17.53
CA ASN A 169 11.13 -0.75 -16.60
C ASN A 169 10.56 -2.17 -16.59
N HIS A 170 9.84 -2.49 -15.51
CA HIS A 170 9.24 -3.82 -15.32
C HIS A 170 7.81 -3.63 -14.82
N LYS A 171 6.85 -4.07 -15.62
CA LYS A 171 5.44 -3.91 -15.28
C LYS A 171 4.88 -4.84 -14.21
N CYS A 172 4.02 -4.29 -13.36
CA CYS A 172 3.34 -5.09 -12.36
C CYS A 172 1.95 -4.52 -12.16
N TYR A 173 0.93 -5.30 -12.50
CA TYR A 173 -0.46 -4.87 -12.30
C TYR A 173 -0.85 -5.09 -10.85
N PHE A 174 -1.40 -4.06 -10.22
CA PHE A 174 -1.93 -4.21 -8.87
C PHE A 174 -3.46 -4.27 -9.04
N THR A 175 -4.10 -5.24 -8.39
CA THR A 175 -5.56 -5.34 -8.41
C THR A 175 -5.91 -5.49 -6.94
N THR A 176 -6.58 -4.49 -6.38
CA THR A 176 -6.89 -4.50 -4.96
C THR A 176 -8.36 -4.32 -4.64
N THR A 177 -8.81 -4.95 -3.56
CA THR A 177 -10.17 -4.77 -3.07
C THR A 177 -10.00 -4.29 -1.63
N TYR A 178 -10.67 -3.19 -1.29
CA TYR A 178 -10.62 -2.60 0.06
C TYR A 178 -12.04 -2.71 0.61
N THR A 179 -12.18 -3.33 1.78
CA THR A 179 -13.50 -3.56 2.36
C THR A 179 -13.66 -3.14 3.82
N ALA A 180 -14.54 -2.17 4.06
CA ALA A 180 -14.83 -1.72 5.43
C ALA A 180 -15.58 -2.83 6.16
N LYS A 181 -15.36 -2.95 7.47
CA LYS A 181 -16.05 -3.96 8.27
C LYS A 181 -17.52 -3.58 8.41
N LYS A 182 -17.81 -2.28 8.38
CA LYS A 182 -19.16 -1.77 8.49
C LYS A 182 -19.57 -1.08 7.19
N LYS A 183 -20.86 -1.08 6.87
CA LYS A 183 -21.33 -0.43 5.65
C LYS A 183 -20.94 1.05 5.62
N ILE A 184 -20.34 1.49 4.52
CA ILE A 184 -19.94 2.89 4.35
C ILE A 184 -21.14 3.63 3.78
N PRO A 185 -21.65 4.63 4.51
CA PRO A 185 -22.83 5.41 4.08
C PRO A 185 -22.64 6.38 2.92
N ASN A 186 -21.44 6.93 2.77
CA ASN A 186 -21.18 7.88 1.70
C ASN A 186 -20.16 7.32 0.71
N LEU A 187 -20.64 6.54 -0.26
CA LEU A 187 -19.75 5.95 -1.25
C LEU A 187 -19.36 6.98 -2.31
N PRO A 188 -18.10 6.96 -2.75
CA PRO A 188 -17.61 7.89 -3.77
C PRO A 188 -17.93 7.39 -5.16
N GLY A 189 -17.83 8.29 -6.14
CA GLY A 189 -18.00 7.88 -7.52
C GLY A 189 -16.61 7.42 -7.93
N SER A 190 -16.45 6.95 -9.16
CA SER A 190 -15.14 6.50 -9.60
C SER A 190 -14.15 7.66 -9.62
N HIS A 191 -12.89 7.39 -9.27
CA HIS A 191 -11.89 8.44 -9.27
C HIS A 191 -10.49 7.86 -9.39
N PHE A 192 -9.49 8.71 -9.18
CA PHE A 192 -8.09 8.30 -9.26
C PHE A 192 -7.39 8.63 -7.97
N ILE A 193 -6.28 7.95 -7.72
CA ILE A 193 -5.43 8.29 -6.59
C ILE A 193 -4.01 8.31 -7.17
N GLY A 194 -3.33 9.44 -7.02
CA GLY A 194 -1.96 9.56 -7.49
C GLY A 194 -1.03 9.21 -6.34
N HIS A 195 -0.06 8.34 -6.61
CA HIS A 195 0.87 7.88 -5.57
C HIS A 195 2.30 8.21 -5.90
N ARG A 196 3.12 8.25 -4.86
CA ARG A 196 4.57 8.41 -4.97
C ARG A 196 5.12 7.71 -3.74
N ILE A 197 5.84 6.61 -3.93
CA ILE A 197 6.41 5.89 -2.79
C ILE A 197 7.90 5.73 -2.96
N SER A 198 8.62 5.81 -1.83
CA SER A 198 10.06 5.63 -1.85
C SER A 198 10.49 4.76 -0.67
N SER A 199 11.48 3.92 -0.92
CA SER A 199 12.02 3.03 0.12
C SER A 199 13.53 3.03 0.08
N VAL A 200 14.16 2.94 1.24
CA VAL A 200 15.60 2.89 1.31
C VAL A 200 15.94 1.76 2.26
N VAL A 201 16.70 0.77 1.77
CA VAL A 201 17.08 -0.37 2.58
C VAL A 201 18.55 -0.27 3.01
N GLU A 202 18.79 -0.45 4.30
CA GLU A 202 20.15 -0.46 4.84
C GLU A 202 20.25 -1.70 5.71
N GLY A 203 20.74 -2.80 5.12
CA GLY A 203 20.85 -4.04 5.87
C GLY A 203 19.47 -4.59 6.13
N THR A 204 19.08 -4.67 7.41
CA THR A 204 17.77 -5.17 7.77
C THR A 204 16.82 -4.05 8.21
N LYS A 205 17.27 -2.80 8.03
CA LYS A 205 16.45 -1.65 8.40
C LYS A 205 15.96 -0.94 7.14
N ILE A 206 14.67 -0.62 7.11
CA ILE A 206 14.12 0.03 5.92
C ILE A 206 13.29 1.26 6.29
N LYS A 207 13.37 2.29 5.45
CA LYS A 207 12.60 3.51 5.64
C LYS A 207 11.68 3.67 4.43
N VAL A 208 10.39 3.87 4.68
CA VAL A 208 9.42 4.03 3.61
C VAL A 208 8.66 5.35 3.74
N MET A 209 8.35 5.98 2.61
CA MET A 209 7.57 7.21 2.62
C MET A 209 6.57 7.10 1.47
N GLU A 210 5.31 7.46 1.74
CA GLU A 210 4.31 7.45 0.67
C GLU A 210 3.52 8.74 0.74
N ASP A 211 3.20 9.28 -0.44
CA ASP A 211 2.35 10.46 -0.55
C ASP A 211 1.25 9.99 -1.48
N ALA A 212 -0.01 10.30 -1.14
CA ALA A 212 -1.13 9.86 -1.96
C ALA A 212 -2.22 10.93 -1.98
N ILE A 213 -2.71 11.25 -3.17
CA ILE A 213 -3.73 12.26 -3.32
C ILE A 213 -4.81 11.80 -4.28
N ALA A 214 -6.05 11.81 -3.82
CA ALA A 214 -7.20 11.42 -4.66
C ALA A 214 -7.58 12.61 -5.54
N HIS A 215 -8.01 12.34 -6.77
CA HIS A 215 -8.33 13.43 -7.69
C HIS A 215 -9.09 12.91 -8.91
N LEU A 216 -9.51 13.86 -9.75
CA LEU A 216 -10.20 13.56 -11.00
C LEU A 216 -9.54 14.39 -12.11
N TYR A 217 -8.25 14.68 -11.93
CA TYR A 217 -7.48 15.47 -12.91
C TYR A 217 -7.41 14.67 -14.21
N PRO A 218 -7.43 15.35 -15.36
CA PRO A 218 -7.50 16.81 -15.55
C PRO A 218 -8.89 17.41 -15.76
N PHE A 219 -9.89 16.57 -15.96
CA PHE A 219 -11.23 17.08 -16.24
C PHE A 219 -12.12 17.36 -15.04
N ASN A 220 -11.68 16.90 -13.88
CA ASN A 220 -12.38 17.11 -12.61
C ASN A 220 -13.88 16.86 -12.65
N GLY A 221 -14.27 15.78 -13.34
CA GLY A 221 -15.66 15.41 -13.45
C GLY A 221 -16.53 16.39 -14.19
#